data_5IHP
#
_entry.id   5IHP
#
_cell.length_a   88.750
_cell.length_b   88.750
_cell.length_c   120.310
_cell.angle_alpha   90.00
_cell.angle_beta   90.00
_cell.angle_gamma   90.00
#
_symmetry.space_group_name_H-M   'P 41 21 2'
#
loop_
_entity.id
_entity.type
_entity.pdbx_description
1 polymer 'Cobyrinic Acid a,c-diamide synthase'
2 non-polymer "ADENOSINE-5'-DIPHOSPHATE"
3 non-polymer 'MAGNESIUM ION'
4 water water
#
_entity_poly.entity_id   1
_entity_poly.type   'polypeptide(L)'
_entity_poly.pdbx_seq_one_letter_code
;MAHHHHHHMTRVLAVANQKGGVAKTTTVASIGAALTEQGRRVLLVDLDPQGCLTFSLGHDPDKLPVSVHEVLLGDVEPSA
ALVRTDEGMTLLPANIDLAGAEAMLLMRAGREYALKRALAKLDGDFDVVIIDCPPSLGVLTLNGLTAAHDVIVPLQCETL
AHRGVGQFLRTISDVQQITNPDLKLLGALPTLYDSRTTHSRDVLLDVADRYELPVLAPPIPRTVRFAEASASGSSVLAGR
KSKGAIAYREFADALLRHWKSGRKMPTFTPEVV
;
_entity_poly.pdbx_strand_id   A,B
#
# COMPACT_ATOMS: atom_id res chain seq x y z
N MET A 9 10.74 -24.62 32.30
CA MET A 9 11.50 -24.87 31.09
C MET A 9 11.34 -23.71 30.09
N THR A 10 12.32 -22.82 30.07
CA THR A 10 12.27 -21.66 29.17
C THR A 10 12.36 -22.12 27.71
N ARG A 11 11.41 -21.70 26.89
CA ARG A 11 11.42 -21.98 25.47
CA ARG A 11 11.40 -21.98 25.46
C ARG A 11 11.94 -20.75 24.73
N VAL A 12 12.88 -20.96 23.82
CA VAL A 12 13.48 -19.89 23.05
C VAL A 12 13.11 -20.10 21.58
N LEU A 13 12.38 -19.15 21.02
CA LEU A 13 11.92 -19.19 19.63
C LEU A 13 12.61 -18.11 18.81
N ALA A 14 13.34 -18.51 17.78
CA ALA A 14 13.90 -17.56 16.84
C ALA A 14 12.93 -17.32 15.69
N VAL A 15 12.79 -16.06 15.30
CA VAL A 15 11.93 -15.67 14.17
C VAL A 15 12.85 -15.06 13.13
N ALA A 16 13.07 -15.79 12.03
CA ALA A 16 14.18 -15.49 11.13
C ALA A 16 13.75 -15.61 9.69
N ASN A 17 14.35 -14.76 8.84
CA ASN A 17 14.20 -14.73 7.39
C ASN A 17 15.08 -13.60 6.89
N GLN A 18 16.02 -13.89 5.98
CA GLN A 18 16.93 -12.83 5.53
C GLN A 18 16.22 -11.81 4.63
N LYS A 19 15.05 -12.16 4.10
CA LYS A 19 14.25 -11.24 3.30
C LYS A 19 13.58 -10.23 4.20
N GLY A 20 13.67 -8.94 3.86
CA GLY A 20 13.02 -7.91 4.65
C GLY A 20 11.58 -7.69 4.23
N GLY A 21 10.77 -7.19 5.18
CA GLY A 21 9.41 -6.81 4.85
C GLY A 21 8.44 -7.97 4.82
N VAL A 22 8.71 -9.04 5.56
CA VAL A 22 7.88 -10.24 5.55
C VAL A 22 7.12 -10.40 6.85
N ALA A 23 7.08 -9.34 7.67
CA ALA A 23 6.36 -9.27 8.94
C ALA A 23 7.05 -10.07 10.06
N LYS A 24 8.38 -10.20 10.04
CA LYS A 24 9.06 -10.82 11.16
C LYS A 24 8.79 -10.05 12.45
N THR A 25 9.06 -8.75 12.45
CA THR A 25 8.97 -7.96 13.67
C THR A 25 7.53 -7.91 14.19
N THR A 26 6.57 -7.67 13.29
CA THR A 26 5.17 -7.74 13.67
C THR A 26 4.83 -9.09 14.29
N THR A 27 5.40 -10.16 13.72
CA THR A 27 5.12 -11.51 14.21
C THR A 27 5.69 -11.70 15.61
N VAL A 28 6.91 -11.24 15.85
CA VAL A 28 7.49 -11.38 17.18
C VAL A 28 6.62 -10.69 18.21
N ALA A 29 6.27 -9.43 17.94
CA ALA A 29 5.49 -8.66 18.91
C ALA A 29 4.11 -9.26 19.11
N SER A 30 3.48 -9.71 18.03
CA SER A 30 2.10 -10.18 18.12
C SER A 30 2.00 -11.55 18.80
N ILE A 31 2.92 -12.46 18.48
CA ILE A 31 2.98 -13.72 19.24
C ILE A 31 3.33 -13.45 20.69
N GLY A 32 4.30 -12.56 20.94
CA GLY A 32 4.63 -12.20 22.31
C GLY A 32 3.42 -11.74 23.10
N ALA A 33 2.60 -10.89 22.49
CA ALA A 33 1.40 -10.38 23.17
C ALA A 33 0.38 -11.48 23.41
N ALA A 34 0.17 -12.35 22.42
CA ALA A 34 -0.81 -13.41 22.58
C ALA A 34 -0.41 -14.37 23.68
N LEU A 35 0.87 -14.71 23.75
CA LEU A 35 1.35 -15.59 24.81
C LEU A 35 1.22 -14.93 26.18
N THR A 36 1.47 -13.62 26.25
CA THR A 36 1.33 -12.90 27.52
C THR A 36 -0.12 -12.95 28.01
N GLU A 37 -1.08 -12.75 27.11
CA GLU A 37 -2.48 -12.87 27.47
C GLU A 37 -2.82 -14.27 27.98
N GLN A 38 -2.10 -15.29 27.52
CA GLN A 38 -2.33 -16.66 28.01
C GLN A 38 -1.57 -16.95 29.30
N GLY A 39 -0.92 -15.96 29.89
CA GLY A 39 -0.28 -16.14 31.18
C GLY A 39 1.20 -16.49 31.14
N ARG A 40 1.84 -16.46 29.99
CA ARG A 40 3.25 -16.78 29.93
C ARG A 40 4.08 -15.53 30.20
N ARG A 41 5.23 -15.73 30.84
CA ARG A 41 6.19 -14.66 31.07
C ARG A 41 7.10 -14.58 29.84
N VAL A 42 6.97 -13.50 29.06
CA VAL A 42 7.59 -13.41 27.75
C VAL A 42 8.72 -12.38 27.76
N LEU A 43 9.87 -12.77 27.22
CA LEU A 43 10.95 -11.85 26.87
C LEU A 43 11.08 -11.77 25.36
N LEU A 44 11.09 -10.56 24.82
CA LEU A 44 11.37 -10.34 23.41
C LEU A 44 12.79 -9.80 23.27
N VAL A 45 13.51 -10.28 22.25
CA VAL A 45 14.88 -9.83 21.99
C VAL A 45 14.92 -9.21 20.60
N ASP A 46 15.31 -7.94 20.52
CA ASP A 46 15.48 -7.24 19.26
C ASP A 46 16.94 -7.40 18.81
N LEU A 47 17.17 -8.13 17.72
CA LEU A 47 18.53 -8.25 17.19
C LEU A 47 18.74 -7.44 15.93
N ASP A 48 17.84 -6.52 15.62
CA ASP A 48 18.00 -5.68 14.43
C ASP A 48 18.57 -4.33 14.86
N PRO A 49 19.77 -3.95 14.43
CA PRO A 49 20.28 -2.60 14.73
C PRO A 49 19.33 -1.48 14.35
N GLN A 50 18.45 -1.69 13.36
CA GLN A 50 17.50 -0.63 13.03
C GLN A 50 16.43 -0.45 14.11
N GLY A 51 16.30 -1.40 15.03
CA GLY A 51 15.47 -1.24 16.21
C GLY A 51 13.98 -1.23 15.97
N CYS A 52 13.51 -1.87 14.91
CA CYS A 52 12.08 -1.79 14.56
C CYS A 52 11.20 -2.30 15.69
N LEU A 53 11.56 -3.45 16.28
CA LEU A 53 10.76 -4.00 17.37
C LEU A 53 10.75 -3.07 18.56
N THR A 54 11.93 -2.56 18.91
CA THR A 54 12.09 -1.65 20.04
C THR A 54 11.22 -0.41 19.87
N PHE A 55 11.36 0.25 18.73
CA PHE A 55 10.51 1.40 18.40
C PHE A 55 9.03 1.04 18.46
N SER A 56 8.64 -0.11 17.90
CA SER A 56 7.23 -0.49 17.83
C SER A 56 6.62 -0.72 19.20
N LEU A 57 7.42 -1.03 20.20
CA LEU A 57 6.96 -1.23 21.56
C LEU A 57 7.16 0.01 22.43
N GLY A 58 7.36 1.17 21.81
CA GLY A 58 7.33 2.43 22.52
C GLY A 58 8.63 2.98 23.05
N HIS A 59 9.78 2.47 22.61
CA HIS A 59 11.08 2.96 23.06
C HIS A 59 11.84 3.53 21.88
N ASP A 60 12.29 4.76 22.02
CA ASP A 60 13.16 5.38 21.01
C ASP A 60 14.52 4.70 21.07
N PRO A 61 14.91 3.90 20.06
CA PRO A 61 16.21 3.20 20.16
C PRO A 61 17.38 4.16 20.35
N ASP A 62 17.38 5.30 19.67
CA ASP A 62 18.52 6.20 19.73
C ASP A 62 18.75 6.76 21.13
N LYS A 63 17.74 6.73 22.01
CA LYS A 63 17.88 7.30 23.34
C LYS A 63 18.12 6.27 24.44
N LEU A 64 18.20 4.98 24.11
CA LEU A 64 18.52 3.96 25.10
C LEU A 64 19.94 4.16 25.63
N PRO A 65 20.16 4.21 26.94
CA PRO A 65 21.55 4.32 27.44
C PRO A 65 22.42 3.13 27.10
N VAL A 66 21.86 1.92 27.10
CA VAL A 66 22.54 0.70 26.69
C VAL A 66 21.53 -0.18 25.98
N SER A 67 22.02 -1.22 25.33
CA SER A 67 21.13 -2.09 24.57
C SER A 67 21.70 -3.50 24.54
N VAL A 68 21.08 -4.35 23.72
CA VAL A 68 21.59 -5.71 23.52
C VAL A 68 23.02 -5.69 22.98
N HIS A 69 23.44 -4.59 22.36
CA HIS A 69 24.83 -4.48 21.89
C HIS A 69 25.82 -4.69 23.05
N GLU A 70 25.71 -3.90 24.11
CA GLU A 70 26.61 -4.08 25.25
C GLU A 70 26.44 -5.46 25.88
N VAL A 71 25.23 -6.00 25.89
CA VAL A 71 24.97 -7.32 26.45
C VAL A 71 25.71 -8.39 25.66
N LEU A 72 25.66 -8.32 24.32
CA LEU A 72 26.38 -9.30 23.51
C LEU A 72 27.89 -9.19 23.70
N LEU A 73 28.41 -8.00 23.96
CA LEU A 73 29.84 -7.84 24.18
C LEU A 73 30.28 -8.28 25.57
N GLY A 74 29.34 -8.54 26.48
CA GLY A 74 29.66 -8.82 27.86
C GLY A 74 29.93 -7.63 28.73
N ASP A 75 29.66 -6.41 28.25
CA ASP A 75 29.98 -5.21 29.01
C ASP A 75 28.89 -4.82 30.01
N VAL A 76 27.68 -5.32 29.82
CA VAL A 76 26.52 -4.97 30.63
C VAL A 76 25.77 -6.26 30.89
N GLU A 77 25.30 -6.44 32.12
CA GLU A 77 24.54 -7.65 32.43
C GLU A 77 23.17 -7.59 31.76
N PRO A 78 22.66 -8.70 31.24
CA PRO A 78 21.36 -8.66 30.54
C PRO A 78 20.25 -7.99 31.34
N SER A 79 20.14 -8.31 32.63
CA SER A 79 19.06 -7.74 33.44
C SER A 79 19.09 -6.22 33.42
N ALA A 80 20.29 -5.63 33.37
CA ALA A 80 20.42 -4.18 33.40
C ALA A 80 19.93 -3.50 32.12
N ALA A 81 19.83 -4.24 31.01
CA ALA A 81 19.42 -3.67 29.74
C ALA A 81 17.93 -3.86 29.43
N LEU A 82 17.21 -4.62 30.25
CA LEU A 82 15.82 -4.93 29.98
C LEU A 82 14.92 -3.71 30.22
N VAL A 83 13.92 -3.54 29.36
CA VAL A 83 12.94 -2.48 29.50
C VAL A 83 11.54 -3.07 29.44
N ARG A 84 10.57 -2.27 29.88
CA ARG A 84 9.20 -2.70 30.04
C ARG A 84 8.40 -2.34 28.80
N THR A 85 7.29 -3.06 28.58
CA THR A 85 6.35 -2.71 27.53
C THR A 85 4.96 -2.57 28.13
N ASP A 86 4.09 -1.87 27.39
CA ASP A 86 2.75 -1.58 27.89
C ASP A 86 1.94 -2.86 28.10
N GLU A 87 2.17 -3.89 27.29
CA GLU A 87 1.38 -5.11 27.38
C GLU A 87 1.93 -6.11 28.39
N GLY A 88 3.10 -5.85 28.96
CA GLY A 88 3.65 -6.68 30.02
C GLY A 88 4.84 -7.53 29.60
N MET A 89 5.03 -7.73 28.30
CA MET A 89 6.25 -8.35 27.82
C MET A 89 7.46 -7.57 28.30
N THR A 90 8.56 -8.28 28.48
CA THR A 90 9.84 -7.63 28.76
C THR A 90 10.62 -7.59 27.45
N LEU A 91 11.41 -6.54 27.26
CA LEU A 91 12.15 -6.35 26.01
C LEU A 91 13.64 -6.21 26.30
N LEU A 92 14.45 -6.99 25.58
CA LEU A 92 15.88 -6.74 25.46
C LEU A 92 16.08 -5.96 24.17
N PRO A 93 16.22 -4.63 24.23
CA PRO A 93 16.06 -3.79 23.04
C PRO A 93 17.37 -3.63 22.25
N ALA A 94 17.23 -3.05 21.06
CA ALA A 94 18.36 -2.80 20.18
C ALA A 94 18.37 -1.35 19.73
N ASN A 95 19.54 -0.87 19.35
CA ASN A 95 19.67 0.38 18.61
C ASN A 95 20.83 0.22 17.63
N ILE A 96 21.16 1.33 16.95
CA ILE A 96 22.11 1.23 15.84
C ILE A 96 23.51 0.85 16.32
N ASP A 97 23.83 1.01 17.62
CA ASP A 97 25.12 0.54 18.13
C ASP A 97 25.36 -0.92 17.77
N LEU A 98 24.28 -1.71 17.69
CA LEU A 98 24.41 -3.14 17.43
C LEU A 98 25.01 -3.42 16.06
N ALA A 99 24.96 -2.46 15.13
CA ALA A 99 25.64 -2.65 13.85
C ALA A 99 27.14 -2.87 14.04
N GLY A 100 27.70 -2.37 15.14
CA GLY A 100 29.10 -2.58 15.41
C GLY A 100 29.45 -3.95 15.97
N ALA A 101 28.46 -4.75 16.34
CA ALA A 101 28.73 -6.02 17.01
C ALA A 101 29.59 -6.92 16.13
N GLU A 102 29.27 -6.97 14.83
CA GLU A 102 29.97 -7.84 13.89
C GLU A 102 31.48 -7.64 13.93
N ALA A 103 31.92 -6.39 13.74
CA ALA A 103 33.36 -6.12 13.73
C ALA A 103 34.01 -6.50 15.06
N MET A 104 33.29 -6.32 16.16
CA MET A 104 33.87 -6.58 17.47
C MET A 104 33.77 -8.05 17.86
N LEU A 105 32.70 -8.73 17.47
CA LEU A 105 32.59 -10.16 17.79
C LEU A 105 33.49 -11.03 16.93
N LEU A 106 33.75 -10.63 15.68
CA LEU A 106 34.62 -11.44 14.83
C LEU A 106 36.00 -11.58 15.43
N MET A 107 36.42 -10.62 16.27
CA MET A 107 37.74 -10.63 16.89
C MET A 107 37.82 -11.53 18.11
N ARG A 108 36.75 -12.23 18.46
CA ARG A 108 36.68 -13.01 19.68
C ARG A 108 36.31 -14.44 19.37
N ALA A 109 36.77 -15.35 20.24
CA ALA A 109 36.36 -16.74 20.15
C ALA A 109 34.89 -16.88 20.48
N GLY A 110 34.22 -17.82 19.80
CA GLY A 110 32.83 -18.12 20.08
C GLY A 110 31.86 -16.98 19.84
N ARG A 111 32.05 -16.24 18.74
CA ARG A 111 31.17 -15.11 18.43
C ARG A 111 29.71 -15.55 18.28
N GLU A 112 29.48 -16.81 17.88
CA GLU A 112 28.11 -17.24 17.63
C GLU A 112 27.31 -17.45 18.91
N TYR A 113 27.97 -17.54 20.06
CA TYR A 113 27.30 -17.88 21.31
C TYR A 113 27.02 -16.69 22.21
N ALA A 114 27.19 -15.46 21.71
CA ALA A 114 27.05 -14.30 22.59
C ALA A 114 25.64 -14.18 23.18
N LEU A 115 24.61 -14.38 22.36
CA LEU A 115 23.26 -14.29 22.88
C LEU A 115 22.93 -15.48 23.78
N LYS A 116 23.37 -16.68 23.40
CA LYS A 116 23.17 -17.85 24.24
C LYS A 116 23.72 -17.60 25.64
N ARG A 117 24.94 -17.05 25.72
CA ARG A 117 25.55 -16.76 27.02
C ARG A 117 24.71 -15.76 27.81
N ALA A 118 24.17 -14.76 27.13
CA ALA A 118 23.36 -13.74 27.80
C ALA A 118 22.06 -14.32 28.34
N LEU A 119 21.36 -15.11 27.52
CA LEU A 119 20.11 -15.70 27.98
C LEU A 119 20.32 -16.68 29.11
N ALA A 120 21.49 -17.32 29.17
CA ALA A 120 21.78 -18.23 30.27
C ALA A 120 21.73 -17.50 31.61
N LYS A 121 22.10 -16.23 31.63
CA LYS A 121 22.05 -15.44 32.85
C LYS A 121 20.63 -15.11 33.29
N LEU A 122 19.65 -15.27 32.39
CA LEU A 122 18.25 -14.98 32.67
C LEU A 122 17.41 -16.24 32.85
N ASP A 123 17.99 -17.43 32.72
CA ASP A 123 17.17 -18.64 32.63
C ASP A 123 16.31 -18.80 33.87
N GLY A 124 15.07 -19.25 33.66
CA GLY A 124 14.09 -19.34 34.72
C GLY A 124 13.24 -18.10 34.90
N ASP A 125 13.72 -16.95 34.46
CA ASP A 125 12.96 -15.71 34.61
C ASP A 125 11.81 -15.60 33.62
N PHE A 126 11.84 -16.34 32.51
CA PHE A 126 10.80 -16.23 31.49
C PHE A 126 10.37 -17.61 31.03
N ASP A 127 9.07 -17.73 30.70
CA ASP A 127 8.55 -18.95 30.09
C ASP A 127 8.93 -19.05 28.62
N VAL A 128 8.94 -17.92 27.92
CA VAL A 128 9.14 -17.90 26.47
C VAL A 128 10.04 -16.71 26.13
N VAL A 129 11.07 -16.96 25.34
CA VAL A 129 11.91 -15.93 24.76
C VAL A 129 11.70 -15.96 23.26
N ILE A 130 11.39 -14.80 22.66
CA ILE A 130 11.21 -14.70 21.20
C ILE A 130 12.23 -13.70 20.65
N ILE A 131 12.99 -14.14 19.65
CA ILE A 131 14.11 -13.37 19.11
C ILE A 131 13.74 -12.89 17.71
N ASP A 132 13.80 -11.56 17.50
CA ASP A 132 13.52 -10.93 16.22
C ASP A 132 14.85 -10.77 15.49
N CYS A 133 15.08 -11.61 14.43
CA CYS A 133 16.36 -11.54 13.74
C CYS A 133 16.31 -10.48 12.63
N PRO A 134 17.45 -9.85 12.33
CA PRO A 134 17.50 -8.87 11.25
C PRO A 134 17.37 -9.56 9.90
N PRO A 135 17.10 -8.79 8.80
CA PRO A 135 17.01 -9.37 7.44
C PRO A 135 18.42 -9.59 6.88
N SER A 136 19.08 -10.61 7.40
CA SER A 136 20.45 -10.93 7.02
C SER A 136 20.79 -12.32 7.53
N LEU A 137 21.91 -12.87 7.04
CA LEU A 137 22.41 -14.16 7.49
C LEU A 137 23.78 -14.02 8.12
N GLY A 138 24.02 -12.94 8.86
CA GLY A 138 25.30 -12.69 9.47
C GLY A 138 25.35 -13.08 10.93
N VAL A 139 26.29 -12.48 11.65
CA VAL A 139 26.57 -12.92 13.03
C VAL A 139 25.37 -12.71 13.93
N LEU A 140 24.54 -11.69 13.67
CA LEU A 140 23.41 -11.46 14.57
C LEU A 140 22.34 -12.54 14.39
N THR A 141 21.95 -12.84 13.15
CA THR A 141 21.02 -13.95 12.94
C THR A 141 21.62 -15.27 13.41
N LEU A 142 22.93 -15.48 13.20
CA LEU A 142 23.55 -16.70 13.70
C LEU A 142 23.46 -16.79 15.22
N ASN A 143 23.61 -15.65 15.93
CA ASN A 143 23.43 -15.66 17.38
C ASN A 143 22.01 -16.03 17.76
N GLY A 144 21.02 -15.50 17.03
CA GLY A 144 19.63 -15.85 17.30
C GLY A 144 19.37 -17.33 17.10
N LEU A 145 19.86 -17.90 15.99
CA LEU A 145 19.62 -19.32 15.72
C LEU A 145 20.38 -20.21 16.71
N THR A 146 21.57 -19.78 17.13
CA THR A 146 22.39 -20.57 18.03
C THR A 146 21.80 -20.59 19.45
N ALA A 147 21.07 -19.54 19.85
CA ALA A 147 20.48 -19.47 21.18
C ALA A 147 19.11 -20.15 21.27
N ALA A 148 18.47 -20.43 20.14
CA ALA A 148 17.08 -20.86 20.13
C ALA A 148 16.94 -22.38 20.20
N HIS A 149 15.79 -22.82 20.69
CA HIS A 149 15.41 -24.22 20.57
C HIS A 149 14.57 -24.47 19.32
N ASP A 150 13.74 -23.50 18.94
CA ASP A 150 12.88 -23.59 17.77
C ASP A 150 13.06 -22.35 16.89
N VAL A 151 12.77 -22.50 15.60
CA VAL A 151 12.79 -21.36 14.68
C VAL A 151 11.59 -21.45 13.74
N ILE A 152 10.94 -20.30 13.50
CA ILE A 152 9.93 -20.20 12.46
C ILE A 152 10.39 -19.14 11.47
N VAL A 153 9.92 -19.28 10.22
CA VAL A 153 10.25 -18.38 9.13
C VAL A 153 8.97 -17.71 8.66
N PRO A 154 8.72 -16.46 9.09
CA PRO A 154 7.61 -15.71 8.50
C PRO A 154 7.86 -15.60 7.00
N LEU A 155 6.87 -15.96 6.22
CA LEU A 155 7.06 -16.13 4.79
C LEU A 155 5.94 -15.41 4.05
N GLN A 156 6.26 -14.32 3.35
CA GLN A 156 5.24 -13.59 2.63
C GLN A 156 4.65 -14.45 1.51
N CYS A 157 3.35 -14.36 1.31
CA CYS A 157 2.72 -15.11 0.22
C CYS A 157 1.90 -14.18 -0.65
N GLU A 158 2.34 -12.92 -0.72
CA GLU A 158 1.81 -11.98 -1.72
C GLU A 158 2.34 -12.31 -3.11
N THR A 159 3.61 -12.72 -3.23
CA THR A 159 4.23 -13.00 -4.52
C THR A 159 4.96 -14.34 -4.50
N LEU A 160 5.27 -14.84 -5.70
CA LEU A 160 5.99 -16.11 -5.87
C LEU A 160 7.49 -16.00 -5.60
N ALA A 161 7.98 -14.83 -5.23
CA ALA A 161 9.41 -14.57 -5.05
C ALA A 161 9.91 -15.24 -3.78
N HIS A 162 10.50 -16.45 -3.88
CA HIS A 162 11.07 -17.07 -2.67
C HIS A 162 12.45 -17.67 -2.91
N ARG A 163 13.27 -17.01 -3.74
CA ARG A 163 14.55 -17.61 -4.08
C ARG A 163 15.50 -17.69 -2.88
N GLY A 164 15.24 -16.93 -1.82
CA GLY A 164 16.07 -17.02 -0.63
C GLY A 164 15.81 -18.21 0.29
N VAL A 165 14.73 -18.95 0.08
CA VAL A 165 14.41 -20.05 1.02
C VAL A 165 15.53 -21.09 1.02
N GLY A 166 16.09 -21.38 -0.15
CA GLY A 166 17.14 -22.40 -0.23
C GLY A 166 18.34 -22.07 0.63
N GLN A 167 18.85 -20.84 0.50
CA GLN A 167 19.98 -20.44 1.33
C GLN A 167 19.60 -20.38 2.81
N PHE A 168 18.36 -20.00 3.12
CA PHE A 168 17.94 -19.99 4.51
C PHE A 168 17.99 -21.39 5.12
N LEU A 169 17.53 -22.40 4.37
CA LEU A 169 17.56 -23.77 4.88
C LEU A 169 19.00 -24.27 5.02
N ARG A 170 19.88 -23.89 4.09
CA ARG A 170 21.30 -24.19 4.26
C ARG A 170 21.84 -23.58 5.54
N THR A 171 21.36 -22.38 5.90
CA THR A 171 21.86 -21.77 7.11
C THR A 171 21.39 -22.54 8.35
N ILE A 172 20.13 -22.95 8.37
CA ILE A 172 19.64 -23.79 9.47
C ILE A 172 20.48 -25.05 9.59
N SER A 173 20.75 -25.71 8.44
CA SER A 173 21.53 -26.94 8.47
C SER A 173 22.94 -26.71 8.98
N ASP A 174 23.56 -25.60 8.58
CA ASP A 174 24.91 -25.28 9.07
C ASP A 174 24.91 -25.06 10.58
N VAL A 175 23.92 -24.31 11.09
CA VAL A 175 23.84 -24.11 12.54
C VAL A 175 23.68 -25.44 13.26
N GLN A 176 22.81 -26.32 12.74
CA GLN A 176 22.58 -27.59 13.40
C GLN A 176 23.83 -28.44 13.41
N GLN A 177 24.68 -28.30 12.38
CA GLN A 177 25.91 -29.07 12.31
C GLN A 177 26.95 -28.56 13.31
N ILE A 178 27.02 -27.26 13.54
CA ILE A 178 28.19 -26.62 14.16
C ILE A 178 27.88 -26.08 15.55
N THR A 179 26.86 -25.20 15.67
CA THR A 179 26.69 -24.47 16.93
C THR A 179 25.47 -24.88 17.76
N ASN A 180 24.47 -25.54 17.17
CA ASN A 180 23.20 -25.80 17.87
C ASN A 180 22.54 -27.05 17.29
N PRO A 181 23.02 -28.24 17.65
CA PRO A 181 22.43 -29.48 17.12
C PRO A 181 20.96 -29.67 17.45
N ASP A 182 20.46 -29.07 18.53
CA ASP A 182 19.08 -29.28 18.94
C ASP A 182 18.09 -28.28 18.32
N LEU A 183 18.55 -27.36 17.47
CA LEU A 183 17.64 -26.42 16.84
C LEU A 183 16.62 -27.14 15.96
N LYS A 184 15.33 -26.83 16.16
CA LYS A 184 14.26 -27.46 15.38
C LYS A 184 13.61 -26.41 14.48
N LEU A 185 13.56 -26.69 13.18
CA LEU A 185 12.80 -25.82 12.26
C LEU A 185 11.34 -26.22 12.33
N LEU A 186 10.53 -25.39 13.00
CA LEU A 186 9.10 -25.67 13.09
C LEU A 186 8.42 -25.50 11.74
N GLY A 187 8.78 -24.46 10.99
CA GLY A 187 8.25 -24.28 9.66
C GLY A 187 8.05 -22.81 9.33
N ALA A 188 7.40 -22.59 8.19
CA ALA A 188 7.10 -21.24 7.72
C ALA A 188 5.74 -20.80 8.22
N LEU A 189 5.66 -19.57 8.74
CA LEU A 189 4.39 -18.93 9.06
C LEU A 189 3.99 -18.04 7.89
N PRO A 190 2.94 -18.37 7.15
CA PRO A 190 2.52 -17.51 6.03
C PRO A 190 2.11 -16.13 6.52
N THR A 191 2.58 -15.09 5.83
CA THR A 191 2.25 -13.71 6.18
C THR A 191 1.80 -12.96 4.95
N LEU A 192 1.07 -11.87 5.18
CA LEU A 192 0.54 -11.02 4.10
C LEU A 192 -0.36 -11.83 3.18
N TYR A 193 -1.10 -12.78 3.75
CA TYR A 193 -2.02 -13.60 2.96
C TYR A 193 -3.16 -12.74 2.43
N ASP A 194 -3.43 -12.86 1.13
CA ASP A 194 -4.43 -12.04 0.44
C ASP A 194 -5.64 -12.91 0.10
N SER A 195 -6.79 -12.62 0.72
CA SER A 195 -8.00 -13.40 0.53
C SER A 195 -8.74 -13.07 -0.76
N ARG A 196 -8.28 -12.09 -1.55
CA ARG A 196 -9.02 -11.65 -2.72
C ARG A 196 -9.05 -12.71 -3.82
N THR A 197 -8.00 -13.50 -3.93
CA THR A 197 -7.87 -14.52 -4.97
C THR A 197 -7.27 -15.78 -4.36
N THR A 198 -7.14 -16.82 -5.18
CA THR A 198 -6.43 -18.02 -4.76
C THR A 198 -4.92 -17.88 -4.89
N HIS A 199 -4.40 -16.69 -5.21
CA HIS A 199 -2.97 -16.56 -5.51
C HIS A 199 -2.11 -16.87 -4.28
N SER A 200 -2.47 -16.35 -3.10
CA SER A 200 -1.67 -16.61 -1.91
C SER A 200 -1.62 -18.11 -1.60
N ARG A 201 -2.77 -18.79 -1.67
CA ARG A 201 -2.78 -20.24 -1.53
C ARG A 201 -1.81 -20.89 -2.51
N ASP A 202 -1.88 -20.49 -3.78
CA ASP A 202 -1.02 -21.08 -4.80
C ASP A 202 0.45 -20.83 -4.51
N VAL A 203 0.77 -19.64 -3.97
CA VAL A 203 2.13 -19.34 -3.55
C VAL A 203 2.59 -20.31 -2.47
N LEU A 204 1.76 -20.50 -1.43
CA LEU A 204 2.14 -21.41 -0.35
C LEU A 204 2.29 -22.85 -0.86
N LEU A 205 1.41 -23.29 -1.75
CA LEU A 205 1.52 -24.65 -2.27
C LEU A 205 2.81 -24.84 -3.06
N ASP A 206 3.20 -23.83 -3.85
CA ASP A 206 4.46 -23.90 -4.58
C ASP A 206 5.66 -23.97 -3.64
N VAL A 207 5.66 -23.15 -2.58
CA VAL A 207 6.75 -23.21 -1.61
C VAL A 207 6.78 -24.59 -0.95
N ALA A 208 5.61 -25.10 -0.56
CA ALA A 208 5.57 -26.38 0.13
C ALA A 208 6.08 -27.49 -0.77
N ASP A 209 5.82 -27.38 -2.07
CA ASP A 209 6.24 -28.40 -3.03
C ASP A 209 7.74 -28.33 -3.32
N ARG A 210 8.29 -27.11 -3.40
CA ARG A 210 9.67 -26.95 -3.85
C ARG A 210 10.69 -27.10 -2.73
N TYR A 211 10.33 -26.81 -1.47
CA TYR A 211 11.31 -26.71 -0.39
C TYR A 211 10.98 -27.66 0.75
N GLU A 212 12.04 -28.17 1.39
CA GLU A 212 11.92 -29.04 2.56
C GLU A 212 11.64 -28.17 3.78
N LEU A 213 10.42 -27.62 3.80
CA LEU A 213 10.01 -26.65 4.79
C LEU A 213 8.52 -26.81 5.07
N PRO A 214 8.13 -27.25 6.26
CA PRO A 214 6.70 -27.28 6.60
C PRO A 214 6.10 -25.88 6.52
N VAL A 215 4.92 -25.78 5.94
CA VAL A 215 4.19 -24.52 5.87
C VAL A 215 3.08 -24.60 6.91
N LEU A 216 3.15 -23.72 7.91
CA LEU A 216 2.29 -23.84 9.08
C LEU A 216 0.97 -23.10 8.89
N ALA A 217 0.06 -23.33 9.83
CA ALA A 217 -1.28 -22.78 9.82
C ALA A 217 -1.58 -22.12 11.16
N PRO A 218 -2.41 -21.06 11.17
CA PRO A 218 -3.08 -20.46 10.02
C PRO A 218 -2.21 -19.40 9.36
N PRO A 219 -2.54 -19.00 8.13
CA PRO A 219 -1.86 -17.84 7.55
C PRO A 219 -2.30 -16.58 8.26
N ILE A 220 -1.38 -15.63 8.37
CA ILE A 220 -1.68 -14.30 8.88
C ILE A 220 -2.16 -13.45 7.71
N PRO A 221 -3.39 -12.95 7.72
CA PRO A 221 -3.87 -12.15 6.59
C PRO A 221 -3.23 -10.78 6.54
N ARG A 222 -3.16 -10.21 5.33
CA ARG A 222 -2.82 -8.81 5.19
C ARG A 222 -3.96 -7.96 5.75
N THR A 223 -3.61 -6.98 6.59
CA THR A 223 -4.58 -6.21 7.36
C THR A 223 -4.80 -4.83 6.76
N ARG A 240 -7.56 -5.71 18.44
CA ARG A 240 -7.70 -6.91 19.26
C ARG A 240 -8.55 -7.96 18.56
N LYS A 241 -9.73 -7.54 18.07
CA LYS A 241 -10.67 -8.44 17.41
C LYS A 241 -10.54 -8.42 15.90
N SER A 242 -9.35 -8.12 15.38
CA SER A 242 -9.08 -8.15 13.95
C SER A 242 -8.72 -9.57 13.50
N LYS A 243 -8.87 -9.81 12.19
CA LYS A 243 -8.56 -11.13 11.64
C LYS A 243 -7.08 -11.46 11.79
N GLY A 244 -6.21 -10.46 11.64
CA GLY A 244 -4.80 -10.69 11.88
C GLY A 244 -4.50 -11.08 13.31
N ALA A 245 -5.12 -10.36 14.26
CA ALA A 245 -4.93 -10.68 15.67
C ALA A 245 -5.46 -12.07 16.00
N ILE A 246 -6.62 -12.42 15.44
CA ILE A 246 -7.20 -13.75 15.67
C ILE A 246 -6.25 -14.83 15.17
N ALA A 247 -5.67 -14.64 13.99
CA ALA A 247 -4.75 -15.63 13.45
C ALA A 247 -3.50 -15.76 14.31
N TYR A 248 -2.97 -14.62 14.79
CA TYR A 248 -1.79 -14.69 15.66
C TYR A 248 -2.10 -15.41 16.96
N ARG A 249 -3.28 -15.16 17.55
CA ARG A 249 -3.63 -15.86 18.78
C ARG A 249 -3.84 -17.35 18.52
N GLU A 250 -4.41 -17.70 17.36
CA GLU A 250 -4.54 -19.11 17.00
C GLU A 250 -3.17 -19.76 16.84
N PHE A 251 -2.23 -19.07 16.19
CA PHE A 251 -0.89 -19.64 16.02
C PHE A 251 -0.17 -19.72 17.36
N ALA A 252 -0.35 -18.70 18.21
CA ALA A 252 0.29 -18.74 19.52
C ALA A 252 -0.25 -19.88 20.36
N ASP A 253 -1.54 -20.19 20.22
CA ASP A 253 -2.07 -21.33 20.96
C ASP A 253 -1.49 -22.64 20.43
N ALA A 254 -1.27 -22.74 19.12
CA ALA A 254 -0.59 -23.91 18.56
C ALA A 254 0.81 -24.07 19.14
N LEU A 255 1.56 -22.96 19.26
CA LEU A 255 2.89 -23.01 19.88
C LEU A 255 2.81 -23.52 21.32
N LEU A 256 1.87 -22.97 22.09
CA LEU A 256 1.71 -23.37 23.49
C LEU A 256 1.52 -24.87 23.61
N ARG A 257 0.62 -25.43 22.80
CA ARG A 257 0.33 -26.85 22.92
C ARG A 257 1.49 -27.71 22.45
N HIS A 258 2.20 -27.26 21.41
CA HIS A 258 3.41 -27.95 21.00
C HIS A 258 4.42 -28.01 22.14
N TRP A 259 4.61 -26.90 22.86
CA TRP A 259 5.56 -26.90 23.95
C TRP A 259 5.04 -27.63 25.17
N LYS A 260 3.72 -27.68 25.36
CA LYS A 260 3.14 -28.30 26.54
C LYS A 260 3.04 -29.81 26.41
N SER A 261 2.48 -30.29 25.30
CA SER A 261 2.17 -31.72 25.14
C SER A 261 2.87 -32.36 23.96
N GLY A 262 3.74 -31.64 23.26
CA GLY A 262 4.41 -32.20 22.10
C GLY A 262 3.54 -32.31 20.87
N ARG A 263 2.36 -31.69 20.88
CA ARG A 263 1.51 -31.67 19.70
C ARG A 263 2.25 -31.06 18.52
N LYS A 264 2.20 -31.74 17.37
CA LYS A 264 2.85 -31.22 16.17
C LYS A 264 2.13 -29.97 15.70
N MET A 265 2.92 -28.99 15.26
CA MET A 265 2.34 -27.76 14.72
C MET A 265 1.43 -28.08 13.53
N PRO A 266 0.19 -27.62 13.53
CA PRO A 266 -0.69 -27.85 12.37
C PRO A 266 -0.11 -27.23 11.11
N THR A 267 -0.36 -27.87 9.96
CA THR A 267 0.20 -27.40 8.72
C THR A 267 -0.88 -26.89 7.77
N PHE A 268 -0.50 -25.89 6.98
CA PHE A 268 -1.37 -25.35 5.94
C PHE A 268 -1.76 -26.41 4.92
N THR A 269 -0.78 -27.21 4.49
CA THR A 269 -1.00 -28.31 3.59
C THR A 269 -0.14 -29.46 4.10
N PRO A 270 -0.64 -30.70 4.06
CA PRO A 270 0.06 -31.85 4.63
C PRO A 270 1.44 -32.11 4.02
N MET B 9 -12.32 24.22 -33.00
CA MET B 9 -13.23 23.29 -32.32
C MET B 9 -12.62 22.76 -31.00
N THR B 10 -12.99 23.37 -29.88
CA THR B 10 -12.43 23.02 -28.58
C THR B 10 -13.17 21.82 -28.00
N ARG B 11 -12.46 20.73 -27.78
CA ARG B 11 -13.01 19.54 -27.14
C ARG B 11 -12.88 19.67 -25.63
N VAL B 12 -13.94 19.34 -24.92
CA VAL B 12 -13.97 19.42 -23.46
C VAL B 12 -14.29 18.04 -22.91
N LEU B 13 -13.38 17.50 -22.10
CA LEU B 13 -13.46 16.16 -21.55
C LEU B 13 -13.62 16.26 -20.04
N ALA B 14 -14.68 15.70 -19.49
CA ALA B 14 -14.82 15.61 -18.04
C ALA B 14 -14.30 14.27 -17.55
N VAL B 15 -13.63 14.29 -16.41
CA VAL B 15 -13.12 13.07 -15.77
C VAL B 15 -13.77 13.00 -14.40
N ALA B 16 -14.69 12.04 -14.22
CA ALA B 16 -15.56 12.09 -13.06
C ALA B 16 -15.83 10.69 -12.52
N ASN B 17 -16.06 10.63 -11.21
CA ASN B 17 -16.43 9.44 -10.46
C ASN B 17 -16.60 9.89 -9.01
N GLN B 18 -17.79 9.71 -8.45
CA GLN B 18 -18.02 10.25 -7.11
C GLN B 18 -17.27 9.46 -6.03
N LYS B 19 -16.69 8.31 -6.36
CA LYS B 19 -15.88 7.56 -5.40
C LYS B 19 -14.46 8.11 -5.39
N GLY B 20 -13.91 8.32 -4.20
CA GLY B 20 -12.57 8.86 -4.10
C GLY B 20 -11.49 7.81 -4.30
N GLY B 21 -10.31 8.27 -4.76
CA GLY B 21 -9.15 7.42 -4.88
C GLY B 21 -9.12 6.48 -6.06
N VAL B 22 -9.73 6.84 -7.19
CA VAL B 22 -9.78 5.96 -8.36
C VAL B 22 -8.90 6.49 -9.51
N ALA B 23 -8.06 7.48 -9.22
CA ALA B 23 -7.07 8.10 -10.11
C ALA B 23 -7.68 9.13 -11.06
N LYS B 24 -8.76 9.82 -10.67
CA LYS B 24 -9.26 10.93 -11.48
C LYS B 24 -8.16 11.96 -11.72
N THR B 25 -7.59 12.48 -10.63
CA THR B 25 -6.61 13.55 -10.74
C THR B 25 -5.39 13.10 -11.51
N THR B 26 -4.87 11.90 -11.19
CA THR B 26 -3.73 11.37 -11.95
C THR B 26 -4.06 11.28 -13.43
N THR B 27 -5.28 10.84 -13.76
CA THR B 27 -5.67 10.69 -15.15
C THR B 27 -5.74 12.04 -15.86
N VAL B 28 -6.29 13.05 -15.20
CA VAL B 28 -6.41 14.37 -15.83
C VAL B 28 -5.03 14.91 -16.17
N ALA B 29 -4.11 14.89 -15.21
CA ALA B 29 -2.78 15.40 -15.44
C ALA B 29 -2.05 14.62 -16.52
N SER B 30 -2.19 13.29 -16.52
CA SER B 30 -1.41 12.46 -17.43
C SER B 30 -1.92 12.54 -18.86
N ILE B 31 -3.25 12.51 -19.05
CA ILE B 31 -3.79 12.71 -20.40
C ILE B 31 -3.42 14.11 -20.90
N GLY B 32 -3.52 15.12 -20.04
CA GLY B 32 -3.16 16.46 -20.45
C GLY B 32 -1.73 16.56 -20.95
N ALA B 33 -0.79 15.92 -20.21
CA ALA B 33 0.61 15.94 -20.63
C ALA B 33 0.81 15.19 -21.95
N ALA B 34 0.10 14.07 -22.13
CA ALA B 34 0.24 13.31 -23.37
C ALA B 34 -0.26 14.10 -24.57
N LEU B 35 -1.42 14.76 -24.43
CA LEU B 35 -1.94 15.59 -25.52
C LEU B 35 -1.01 16.78 -25.79
N THR B 36 -0.42 17.35 -24.76
CA THR B 36 0.54 18.43 -24.95
C THR B 36 1.76 17.95 -25.73
N GLU B 37 2.23 16.74 -25.43
CA GLU B 37 3.31 16.13 -26.21
C GLU B 37 2.97 16.07 -27.69
N GLN B 38 1.71 15.81 -28.00
CA GLN B 38 1.24 15.72 -29.38
C GLN B 38 0.79 17.07 -29.92
N GLY B 39 1.24 18.17 -29.30
CA GLY B 39 1.06 19.49 -29.88
C GLY B 39 -0.28 20.14 -29.64
N ARG B 40 -1.17 19.54 -28.85
CA ARG B 40 -2.46 20.16 -28.57
C ARG B 40 -2.29 21.21 -27.47
N ARG B 41 -3.00 22.32 -27.61
CA ARG B 41 -3.02 23.33 -26.54
C ARG B 41 -4.03 22.89 -25.49
N VAL B 42 -3.56 22.61 -24.26
CA VAL B 42 -4.38 21.95 -23.24
C VAL B 42 -4.63 22.90 -22.07
N LEU B 43 -5.88 22.98 -21.65
CA LEU B 43 -6.28 23.60 -20.39
C LEU B 43 -6.77 22.52 -19.44
N LEU B 44 -6.24 22.50 -18.22
CA LEU B 44 -6.75 21.64 -17.17
C LEU B 44 -7.54 22.49 -16.17
N VAL B 45 -8.67 21.96 -15.71
CA VAL B 45 -9.54 22.67 -14.77
C VAL B 45 -9.65 21.81 -13.52
N ASP B 46 -9.29 22.38 -12.37
CA ASP B 46 -9.37 21.70 -11.07
C ASP B 46 -10.69 22.12 -10.45
N LEU B 47 -11.64 21.17 -10.30
CA LEU B 47 -12.90 21.47 -9.65
C LEU B 47 -13.01 20.85 -8.26
N ASP B 48 -11.90 20.41 -7.68
CA ASP B 48 -11.89 19.89 -6.32
C ASP B 48 -11.44 20.97 -5.36
N PRO B 49 -12.26 21.40 -4.39
CA PRO B 49 -11.76 22.34 -3.36
C PRO B 49 -10.50 21.84 -2.65
N GLN B 50 -10.24 20.54 -2.62
CA GLN B 50 -9.04 20.04 -1.97
C GLN B 50 -7.76 20.32 -2.75
N GLY B 51 -7.86 20.70 -4.02
CA GLY B 51 -6.72 21.19 -4.78
C GLY B 51 -5.69 20.16 -5.21
N CYS B 52 -6.06 18.88 -5.30
CA CYS B 52 -5.07 17.84 -5.58
C CYS B 52 -4.37 18.05 -6.91
N LEU B 53 -5.14 18.30 -7.97
CA LEU B 53 -4.54 18.55 -9.29
C LEU B 53 -3.63 19.77 -9.24
N THR B 54 -4.11 20.87 -8.67
CA THR B 54 -3.34 22.11 -8.58
C THR B 54 -2.03 21.88 -7.85
N PHE B 55 -2.09 21.20 -6.70
CA PHE B 55 -0.87 20.89 -5.96
C PHE B 55 0.05 19.98 -6.75
N SER B 56 -0.50 18.97 -7.42
CA SER B 56 0.33 18.00 -8.12
C SER B 56 1.07 18.62 -9.30
N LEU B 57 0.64 19.77 -9.80
CA LEU B 57 1.30 20.44 -10.89
C LEU B 57 2.15 21.61 -10.42
N GLY B 58 2.48 21.66 -9.14
CA GLY B 58 3.46 22.61 -8.63
C GLY B 58 2.93 23.94 -8.14
N HIS B 59 1.66 24.04 -7.80
CA HIS B 59 1.10 25.28 -7.29
C HIS B 59 0.50 25.05 -5.91
N ASP B 60 0.93 25.86 -4.93
CA ASP B 60 0.33 25.75 -3.61
C ASP B 60 -1.06 26.38 -3.63
N PRO B 61 -2.13 25.58 -3.50
CA PRO B 61 -3.49 26.16 -3.56
C PRO B 61 -3.72 27.26 -2.52
N ASP B 62 -3.13 27.15 -1.34
CA ASP B 62 -3.38 28.11 -0.27
C ASP B 62 -2.84 29.50 -0.63
N LYS B 63 -1.83 29.58 -1.49
CA LYS B 63 -1.19 30.84 -1.83
C LYS B 63 -1.71 31.45 -3.13
N LEU B 64 -2.60 30.76 -3.84
CA LEU B 64 -3.18 31.32 -5.06
C LEU B 64 -3.92 32.61 -4.74
N PRO B 65 -3.65 33.71 -5.44
CA PRO B 65 -4.40 34.95 -5.17
C PRO B 65 -5.84 34.91 -5.67
N VAL B 66 -6.14 34.12 -6.69
CA VAL B 66 -7.51 33.86 -7.17
C VAL B 66 -7.53 32.44 -7.73
N SER B 67 -8.74 31.95 -8.03
CA SER B 67 -8.86 30.58 -8.50
C SER B 67 -10.17 30.42 -9.26
N VAL B 68 -10.48 29.18 -9.64
CA VAL B 68 -11.74 28.89 -10.32
C VAL B 68 -12.96 29.28 -9.49
N HIS B 69 -12.80 29.43 -8.17
CA HIS B 69 -13.91 29.89 -7.33
C HIS B 69 -14.40 31.27 -7.79
N GLU B 70 -13.50 32.24 -7.87
CA GLU B 70 -13.87 33.58 -8.37
C GLU B 70 -14.41 33.50 -9.79
N VAL B 71 -13.87 32.60 -10.62
CA VAL B 71 -14.35 32.47 -11.99
C VAL B 71 -15.79 32.00 -12.02
N LEU B 72 -16.11 30.95 -11.26
CA LEU B 72 -17.46 30.40 -11.30
C LEU B 72 -18.50 31.38 -10.76
N LEU B 73 -18.10 32.19 -9.79
CA LEU B 73 -18.98 33.22 -9.22
C LEU B 73 -19.11 34.45 -10.10
N GLY B 74 -18.32 34.56 -11.16
CA GLY B 74 -18.40 35.71 -12.03
C GLY B 74 -17.65 36.92 -11.53
N ASP B 75 -16.89 36.80 -10.44
CA ASP B 75 -16.17 37.94 -9.88
C ASP B 75 -14.87 38.21 -10.62
N VAL B 76 -14.36 37.27 -11.40
CA VAL B 76 -13.05 37.38 -12.04
C VAL B 76 -13.13 36.70 -13.40
N GLU B 77 -12.57 37.34 -14.42
CA GLU B 77 -12.59 36.73 -15.74
C GLU B 77 -11.68 35.51 -15.77
N PRO B 78 -12.00 34.51 -16.60
CA PRO B 78 -11.23 33.25 -16.57
C PRO B 78 -9.73 33.42 -16.83
N SER B 79 -9.35 34.24 -17.80
CA SER B 79 -7.93 34.37 -18.13
C SER B 79 -7.13 34.89 -16.95
N ALA B 80 -7.76 35.63 -16.04
CA ALA B 80 -7.05 36.19 -14.89
C ALA B 80 -6.65 35.14 -13.87
N ALA B 81 -7.33 33.98 -13.82
CA ALA B 81 -6.97 32.93 -12.87
C ALA B 81 -6.03 31.87 -13.45
N LEU B 82 -5.74 31.90 -14.74
CA LEU B 82 -4.93 30.86 -15.35
C LEU B 82 -3.48 30.95 -14.90
N VAL B 83 -2.85 29.79 -14.71
CA VAL B 83 -1.43 29.67 -14.38
C VAL B 83 -0.83 28.62 -15.31
N ARG B 84 0.50 28.68 -15.45
CA ARG B 84 1.23 27.76 -16.31
C ARG B 84 1.72 26.58 -15.50
N THR B 85 2.00 25.47 -16.19
CA THR B 85 2.59 24.29 -15.56
C THR B 85 3.89 23.94 -16.25
N ASP B 86 4.70 23.12 -15.59
CA ASP B 86 6.04 22.84 -16.10
C ASP B 86 6.02 21.96 -17.34
N GLU B 87 4.98 21.17 -17.55
CA GLU B 87 4.88 20.33 -18.74
C GLU B 87 4.22 21.04 -19.92
N GLY B 88 3.83 22.30 -19.75
CA GLY B 88 3.28 23.08 -20.86
C GLY B 88 1.78 23.17 -20.91
N MET B 89 1.06 22.56 -19.96
CA MET B 89 -0.37 22.77 -19.88
C MET B 89 -0.67 24.11 -19.23
N THR B 90 -1.87 24.61 -19.46
CA THR B 90 -2.41 25.72 -18.69
C THR B 90 -3.39 25.18 -17.67
N LEU B 91 -3.42 25.79 -16.49
CA LEU B 91 -4.23 25.31 -15.38
C LEU B 91 -5.18 26.41 -14.91
N LEU B 92 -6.44 26.05 -14.73
CA LEU B 92 -7.42 26.87 -14.03
C LEU B 92 -7.55 26.25 -12.66
N PRO B 93 -6.90 26.78 -11.63
CA PRO B 93 -6.65 26.04 -10.39
C PRO B 93 -7.74 26.23 -9.34
N ALA B 94 -7.67 25.41 -8.30
CA ALA B 94 -8.65 25.40 -7.23
C ALA B 94 -7.93 25.42 -5.88
N ASN B 95 -8.65 25.91 -4.88
CA ASN B 95 -8.22 25.80 -3.48
C ASN B 95 -9.48 25.69 -2.62
N ILE B 96 -9.31 25.74 -1.30
CA ILE B 96 -10.42 25.41 -0.43
C ILE B 96 -11.57 26.41 -0.54
N ASP B 97 -11.32 27.61 -1.08
CA ASP B 97 -12.38 28.59 -1.27
C ASP B 97 -13.54 28.01 -2.05
N LEU B 98 -13.24 27.14 -3.04
CA LEU B 98 -14.24 26.57 -3.91
C LEU B 98 -15.32 25.81 -3.14
N ALA B 99 -15.03 25.38 -1.92
CA ALA B 99 -16.08 24.75 -1.11
C ALA B 99 -17.25 25.70 -0.88
N GLY B 100 -17.00 27.02 -0.95
CA GLY B 100 -18.04 28.01 -0.80
C GLY B 100 -18.98 28.17 -1.99
N ALA B 101 -18.62 27.65 -3.16
CA ALA B 101 -19.41 27.96 -4.34
C ALA B 101 -20.78 27.30 -4.32
N GLU B 102 -20.92 26.15 -3.63
CA GLU B 102 -22.20 25.44 -3.63
C GLU B 102 -23.32 26.30 -3.04
N ALA B 103 -23.03 27.00 -1.95
CA ALA B 103 -24.07 27.80 -1.30
C ALA B 103 -24.40 29.03 -2.12
N MET B 104 -23.38 29.66 -2.71
CA MET B 104 -23.59 30.89 -3.47
C MET B 104 -24.17 30.61 -4.84
N LEU B 105 -23.79 29.48 -5.47
CA LEU B 105 -24.39 29.10 -6.73
C LEU B 105 -25.76 28.48 -6.56
N LEU B 106 -26.09 28.00 -5.35
CA LEU B 106 -27.43 27.46 -5.10
C LEU B 106 -28.53 28.47 -5.39
N MET B 107 -28.20 29.77 -5.44
CA MET B 107 -29.18 30.83 -5.52
C MET B 107 -29.36 31.40 -6.92
N ARG B 108 -28.59 30.95 -7.91
CA ARG B 108 -28.58 31.57 -9.23
C ARG B 108 -29.30 30.71 -10.26
N ALA B 109 -30.02 31.38 -11.15
CA ALA B 109 -30.42 30.73 -12.39
C ALA B 109 -29.18 30.47 -13.24
N GLY B 110 -29.17 29.32 -13.91
CA GLY B 110 -27.96 28.93 -14.61
C GLY B 110 -26.83 28.48 -13.72
N ARG B 111 -27.15 27.98 -12.51
CA ARG B 111 -26.12 27.49 -11.59
C ARG B 111 -25.24 26.43 -12.25
N GLU B 112 -25.83 25.56 -13.06
CA GLU B 112 -25.10 24.45 -13.65
C GLU B 112 -24.22 24.86 -14.82
N TYR B 113 -24.37 26.09 -15.33
CA TYR B 113 -23.72 26.53 -16.55
C TYR B 113 -22.56 27.48 -16.28
N ALA B 114 -22.16 27.66 -15.02
CA ALA B 114 -21.16 28.68 -14.70
C ALA B 114 -19.81 28.35 -15.33
N LEU B 115 -19.39 27.08 -15.29
CA LEU B 115 -18.13 26.72 -15.92
C LEU B 115 -18.24 26.79 -17.44
N LYS B 116 -19.39 26.36 -17.99
CA LYS B 116 -19.59 26.45 -19.43
C LYS B 116 -19.48 27.89 -19.91
N ARG B 117 -20.08 28.83 -19.18
CA ARG B 117 -19.98 30.24 -19.56
C ARG B 117 -18.53 30.71 -19.51
N ALA B 118 -17.80 30.33 -18.47
CA ALA B 118 -16.39 30.70 -18.36
C ALA B 118 -15.58 30.16 -19.54
N LEU B 119 -15.71 28.86 -19.82
CA LEU B 119 -14.94 28.27 -20.91
C LEU B 119 -15.26 28.94 -22.24
N ALA B 120 -16.53 29.35 -22.43
CA ALA B 120 -16.92 30.01 -23.66
C ALA B 120 -16.12 31.29 -23.90
N LYS B 121 -15.75 31.99 -22.82
CA LYS B 121 -14.94 33.19 -22.95
C LYS B 121 -13.52 32.88 -23.40
N LEU B 122 -13.06 31.65 -23.21
CA LEU B 122 -11.73 31.24 -23.66
C LEU B 122 -11.77 30.52 -25.00
N ASP B 123 -12.93 30.41 -25.64
CA ASP B 123 -13.05 29.64 -26.87
C ASP B 123 -12.05 30.11 -27.91
N GLY B 124 -11.30 29.16 -28.47
CA GLY B 124 -10.25 29.43 -29.42
C GLY B 124 -8.86 29.35 -28.85
N ASP B 125 -8.69 29.58 -27.55
CA ASP B 125 -7.37 29.57 -26.97
C ASP B 125 -6.84 28.16 -26.72
N PHE B 126 -7.72 27.15 -26.67
CA PHE B 126 -7.30 25.80 -26.36
C PHE B 126 -7.91 24.81 -27.34
N ASP B 127 -7.17 23.73 -27.57
CA ASP B 127 -7.68 22.61 -28.37
C ASP B 127 -8.47 21.63 -27.52
N VAL B 128 -8.01 21.38 -26.30
CA VAL B 128 -8.62 20.40 -25.39
C VAL B 128 -8.66 21.01 -23.99
N VAL B 129 -9.82 20.88 -23.33
CA VAL B 129 -9.99 21.21 -21.92
C VAL B 129 -10.31 19.93 -21.19
N ILE B 130 -9.60 19.64 -20.10
CA ILE B 130 -9.88 18.47 -19.28
C ILE B 130 -10.25 18.94 -17.88
N ILE B 131 -11.36 18.43 -17.37
CA ILE B 131 -11.94 18.90 -16.11
C ILE B 131 -11.82 17.79 -15.07
N ASP B 132 -11.15 18.09 -13.96
CA ASP B 132 -10.97 17.12 -12.88
C ASP B 132 -12.09 17.34 -11.87
N CYS B 133 -13.08 16.40 -11.83
CA CYS B 133 -14.22 16.60 -10.96
C CYS B 133 -13.94 16.05 -9.56
N PRO B 134 -14.51 16.64 -8.52
CA PRO B 134 -14.31 16.13 -7.17
C PRO B 134 -15.12 14.87 -6.94
N PRO B 135 -14.81 14.08 -5.80
CA PRO B 135 -15.62 12.87 -5.46
C PRO B 135 -16.98 13.22 -4.88
N SER B 136 -17.87 13.69 -5.74
CA SER B 136 -19.21 14.09 -5.33
C SER B 136 -20.09 14.21 -6.57
N LEU B 137 -21.37 14.44 -6.31
CA LEU B 137 -22.39 14.57 -7.35
C LEU B 137 -23.11 15.91 -7.24
N GLY B 138 -22.44 16.91 -6.66
CA GLY B 138 -23.03 18.20 -6.40
C GLY B 138 -22.84 19.18 -7.54
N VAL B 139 -22.97 20.47 -7.20
CA VAL B 139 -23.00 21.52 -8.22
C VAL B 139 -21.67 21.61 -8.96
N LEU B 140 -20.56 21.19 -8.33
CA LEU B 140 -19.27 21.31 -9.02
C LEU B 140 -19.16 20.24 -10.10
N THR B 141 -19.43 18.98 -9.75
CA THR B 141 -19.45 17.94 -10.78
C THR B 141 -20.48 18.22 -11.86
N LEU B 142 -21.65 18.75 -11.46
CA LEU B 142 -22.67 19.14 -12.44
C LEU B 142 -22.15 20.21 -13.40
N ASN B 143 -21.34 21.14 -12.90
CA ASN B 143 -20.75 22.13 -13.79
C ASN B 143 -19.77 21.50 -14.75
N GLY B 144 -19.00 20.52 -14.27
CA GLY B 144 -18.05 19.85 -15.15
C GLY B 144 -18.74 19.09 -16.25
N LEU B 145 -19.78 18.33 -15.91
CA LEU B 145 -20.52 17.55 -16.89
C LEU B 145 -21.33 18.43 -17.83
N THR B 146 -21.85 19.56 -17.33
CA THR B 146 -22.61 20.47 -18.20
C THR B 146 -21.71 21.17 -19.22
N ALA B 147 -20.43 21.37 -18.87
CA ALA B 147 -19.51 22.05 -19.78
C ALA B 147 -18.82 21.12 -20.76
N ALA B 148 -18.87 19.81 -20.53
CA ALA B 148 -18.10 18.85 -21.31
C ALA B 148 -18.86 18.38 -22.54
N HIS B 149 -18.10 18.00 -23.57
CA HIS B 149 -18.66 17.27 -24.69
C HIS B 149 -18.59 15.76 -24.45
N ASP B 150 -17.52 15.31 -23.80
CA ASP B 150 -17.28 13.90 -23.51
C ASP B 150 -16.98 13.72 -22.02
N VAL B 151 -17.29 12.52 -21.49
CA VAL B 151 -16.95 12.18 -20.12
C VAL B 151 -16.40 10.75 -20.06
N ILE B 152 -15.34 10.57 -19.28
CA ILE B 152 -14.84 9.25 -18.93
C ILE B 152 -14.90 9.08 -17.41
N VAL B 153 -15.07 7.84 -16.98
CA VAL B 153 -15.12 7.49 -15.56
C VAL B 153 -13.94 6.58 -15.24
N PRO B 154 -12.90 7.09 -14.57
CA PRO B 154 -11.83 6.21 -14.10
C PRO B 154 -12.42 5.20 -13.11
N LEU B 155 -12.09 3.93 -13.31
CA LEU B 155 -12.71 2.84 -12.58
C LEU B 155 -11.62 1.94 -12.01
N GLN B 156 -11.42 1.97 -10.69
CA GLN B 156 -10.44 1.10 -10.06
C GLN B 156 -10.84 -0.36 -10.23
N CYS B 157 -9.87 -1.21 -10.55
CA CYS B 157 -10.12 -2.64 -10.71
C CYS B 157 -9.17 -3.44 -9.82
N GLU B 158 -8.92 -2.90 -8.64
CA GLU B 158 -8.23 -3.60 -7.58
C GLU B 158 -9.19 -4.41 -6.72
N THR B 159 -10.42 -3.93 -6.54
CA THR B 159 -11.46 -4.61 -5.79
C THR B 159 -12.76 -4.62 -6.59
N LEU B 160 -13.79 -5.21 -6.00
CA LEU B 160 -15.11 -5.34 -6.62
C LEU B 160 -16.11 -4.30 -6.10
N ALA B 161 -15.63 -3.24 -5.45
CA ALA B 161 -16.51 -2.29 -4.77
C ALA B 161 -16.95 -1.20 -5.75
N HIS B 162 -17.99 -1.50 -6.52
CA HIS B 162 -18.47 -0.58 -7.55
C HIS B 162 -19.95 -0.25 -7.38
N ARG B 163 -20.45 -0.17 -6.15
CA ARG B 163 -21.87 0.10 -5.98
C ARG B 163 -22.26 1.52 -6.43
N GLY B 164 -21.31 2.45 -6.53
CA GLY B 164 -21.66 3.78 -6.97
C GLY B 164 -21.82 3.95 -8.48
N VAL B 165 -21.50 2.93 -9.27
CA VAL B 165 -21.55 3.10 -10.73
C VAL B 165 -22.97 3.38 -11.20
N GLY B 166 -23.96 2.69 -10.62
CA GLY B 166 -25.34 2.92 -11.02
C GLY B 166 -25.78 4.37 -10.88
N GLN B 167 -25.54 4.96 -9.70
CA GLN B 167 -25.94 6.36 -9.52
C GLN B 167 -25.11 7.30 -10.38
N PHE B 168 -23.84 6.96 -10.63
CA PHE B 168 -23.05 7.79 -11.53
C PHE B 168 -23.66 7.81 -12.93
N LEU B 169 -24.06 6.65 -13.45
CA LEU B 169 -24.68 6.61 -14.76
C LEU B 169 -25.99 7.39 -14.79
N ARG B 170 -26.74 7.35 -13.68
CA ARG B 170 -27.96 8.16 -13.59
C ARG B 170 -27.65 9.66 -13.57
N THR B 171 -26.52 10.06 -12.97
CA THR B 171 -26.14 11.46 -13.02
C THR B 171 -25.83 11.88 -14.45
N ILE B 172 -25.16 11.03 -15.20
CA ILE B 172 -24.88 11.33 -16.61
C ILE B 172 -26.19 11.54 -17.36
N SER B 173 -27.12 10.58 -17.23
CA SER B 173 -28.38 10.72 -17.98
C SER B 173 -29.19 11.92 -17.50
N ASP B 174 -29.14 12.24 -16.20
CA ASP B 174 -29.74 13.48 -15.70
C ASP B 174 -29.25 14.69 -16.48
N VAL B 175 -27.93 14.81 -16.64
CA VAL B 175 -27.35 15.93 -17.36
C VAL B 175 -27.77 15.90 -18.83
N GLN B 176 -27.69 14.73 -19.46
CA GLN B 176 -28.07 14.62 -20.86
C GLN B 176 -29.52 15.01 -21.09
N GLN B 177 -30.38 14.75 -20.10
CA GLN B 177 -31.81 14.98 -20.22
C GLN B 177 -32.21 16.42 -19.96
N ILE B 178 -31.31 17.24 -19.41
CA ILE B 178 -31.66 18.61 -19.05
C ILE B 178 -30.59 19.58 -19.57
N THR B 179 -29.42 19.62 -18.92
CA THR B 179 -28.49 20.73 -19.13
C THR B 179 -27.51 20.55 -20.28
N ASN B 180 -27.25 19.32 -20.74
CA ASN B 180 -26.25 19.08 -21.78
C ASN B 180 -26.65 17.88 -22.62
N PRO B 181 -27.59 18.08 -23.55
CA PRO B 181 -28.05 16.94 -24.36
C PRO B 181 -26.96 16.34 -25.25
N ASP B 182 -25.89 17.07 -25.51
CA ASP B 182 -24.82 16.59 -26.37
C ASP B 182 -23.75 15.79 -25.64
N LEU B 183 -23.85 15.67 -24.30
CA LEU B 183 -22.81 14.99 -23.53
C LEU B 183 -22.77 13.50 -23.87
N LYS B 184 -21.57 13.01 -24.19
CA LYS B 184 -21.36 11.61 -24.57
C LYS B 184 -20.52 10.91 -23.52
N LEU B 185 -21.03 9.80 -23.00
CA LEU B 185 -20.21 8.96 -22.12
C LEU B 185 -19.33 8.07 -22.99
N LEU B 186 -18.02 8.30 -22.96
CA LEU B 186 -17.11 7.48 -23.74
C LEU B 186 -16.93 6.11 -23.09
N GLY B 187 -16.89 6.06 -21.77
CA GLY B 187 -16.78 4.80 -21.08
C GLY B 187 -15.92 4.92 -19.83
N ALA B 188 -15.57 3.75 -19.28
CA ALA B 188 -14.77 3.62 -18.08
C ALA B 188 -13.31 3.38 -18.44
N LEU B 189 -12.42 4.16 -17.83
CA LEU B 189 -10.98 3.91 -17.97
C LEU B 189 -10.52 3.05 -16.80
N PRO B 190 -10.08 1.81 -17.03
CA PRO B 190 -9.61 0.98 -15.92
C PRO B 190 -8.36 1.58 -15.30
N THR B 191 -8.34 1.66 -13.97
CA THR B 191 -7.17 2.16 -13.24
C THR B 191 -6.81 1.17 -12.13
N LEU B 192 -5.56 1.29 -11.64
CA LEU B 192 -5.00 0.38 -10.63
C LEU B 192 -5.08 -1.08 -11.07
N TYR B 193 -4.87 -1.32 -12.36
CA TYR B 193 -4.95 -2.65 -12.94
C TYR B 193 -3.68 -3.44 -12.63
N ASP B 194 -3.86 -4.68 -12.17
CA ASP B 194 -2.74 -5.54 -11.79
C ASP B 194 -2.71 -6.76 -12.70
N SER B 195 -1.64 -6.90 -13.48
CA SER B 195 -1.49 -8.04 -14.38
C SER B 195 -0.91 -9.26 -13.70
N ARG B 196 -0.45 -9.14 -12.45
CA ARG B 196 0.14 -10.28 -11.76
C ARG B 196 -0.88 -11.36 -11.43
N THR B 197 -2.17 -11.03 -11.45
CA THR B 197 -3.22 -12.02 -11.29
C THR B 197 -4.39 -11.64 -12.19
N THR B 198 -5.26 -12.62 -12.45
CA THR B 198 -6.45 -12.39 -13.27
C THR B 198 -7.52 -11.59 -12.56
N HIS B 199 -7.29 -11.19 -11.30
CA HIS B 199 -8.33 -10.51 -10.54
C HIS B 199 -8.81 -9.24 -11.24
N SER B 200 -7.87 -8.35 -11.58
CA SER B 200 -8.25 -7.10 -12.22
C SER B 200 -9.04 -7.35 -13.51
N ARG B 201 -8.56 -8.30 -14.33
CA ARG B 201 -9.31 -8.67 -15.53
C ARG B 201 -10.70 -9.15 -15.17
N ASP B 202 -10.82 -9.96 -14.12
CA ASP B 202 -12.12 -10.46 -13.67
C ASP B 202 -13.02 -9.33 -13.17
N VAL B 203 -12.44 -8.35 -12.48
CA VAL B 203 -13.23 -7.22 -11.99
C VAL B 203 -13.80 -6.44 -13.17
N LEU B 204 -12.98 -6.19 -14.20
CA LEU B 204 -13.45 -5.43 -15.37
C LEU B 204 -14.55 -6.17 -16.10
N LEU B 205 -14.41 -7.49 -16.29
CA LEU B 205 -15.46 -8.25 -16.96
C LEU B 205 -16.76 -8.19 -16.17
N ASP B 206 -16.65 -8.23 -14.85
CA ASP B 206 -17.85 -8.15 -14.01
C ASP B 206 -18.54 -6.80 -14.17
N VAL B 207 -17.77 -5.71 -14.15
CA VAL B 207 -18.37 -4.38 -14.31
C VAL B 207 -19.03 -4.27 -15.68
N ALA B 208 -18.34 -4.71 -16.73
CA ALA B 208 -18.87 -4.60 -18.08
C ALA B 208 -20.16 -5.39 -18.22
N ASP B 209 -20.26 -6.52 -17.51
CA ASP B 209 -21.46 -7.35 -17.61
C ASP B 209 -22.65 -6.68 -16.94
N ARG B 210 -22.44 -6.01 -15.80
CA ARG B 210 -23.55 -5.52 -14.99
C ARG B 210 -24.07 -4.15 -15.40
N TYR B 211 -23.25 -3.32 -16.05
CA TYR B 211 -23.59 -1.91 -16.26
C TYR B 211 -23.51 -1.54 -17.74
N GLU B 212 -24.35 -0.58 -18.12
CA GLU B 212 -24.37 -0.04 -19.48
C GLU B 212 -23.26 0.99 -19.59
N LEU B 213 -22.03 0.48 -19.70
CA LEU B 213 -20.83 1.27 -19.61
C LEU B 213 -19.70 0.61 -20.39
N PRO B 214 -19.31 1.16 -21.54
CA PRO B 214 -18.14 0.62 -22.24
C PRO B 214 -16.91 0.64 -21.35
N VAL B 215 -16.15 -0.45 -21.36
CA VAL B 215 -14.88 -0.52 -20.63
C VAL B 215 -13.75 -0.31 -21.63
N LEU B 216 -12.96 0.74 -21.42
CA LEU B 216 -12.02 1.20 -22.44
C LEU B 216 -10.65 0.57 -22.27
N ALA B 217 -9.80 0.75 -23.28
CA ALA B 217 -8.45 0.21 -23.36
C ALA B 217 -7.44 1.30 -23.71
N PRO B 218 -6.19 1.16 -23.28
CA PRO B 218 -5.69 0.14 -22.36
C PRO B 218 -6.03 0.46 -20.91
N PRO B 219 -6.05 -0.55 -20.06
CA PRO B 219 -6.13 -0.29 -18.61
C PRO B 219 -4.86 0.40 -18.16
N ILE B 220 -4.99 1.24 -17.13
CA ILE B 220 -3.85 1.94 -16.54
C ILE B 220 -3.28 1.06 -15.44
N PRO B 221 -2.06 0.54 -15.59
CA PRO B 221 -1.54 -0.41 -14.59
C PRO B 221 -1.25 0.28 -13.26
N ARG B 222 -1.30 -0.52 -12.21
CA ARG B 222 -0.81 -0.08 -10.92
C ARG B 222 0.69 0.21 -11.00
N THR B 223 1.10 1.36 -10.50
CA THR B 223 2.49 1.77 -10.57
C THR B 223 3.23 1.45 -9.28
N LYS B 241 10.32 5.39 -19.63
CA LYS B 241 9.51 4.42 -20.37
C LYS B 241 8.61 3.62 -19.41
N SER B 242 8.00 4.32 -18.46
CA SER B 242 7.14 3.69 -17.47
C SER B 242 5.90 3.09 -18.11
N LYS B 243 5.44 1.95 -17.58
CA LYS B 243 4.29 1.26 -18.17
C LYS B 243 3.01 2.08 -17.99
N GLY B 244 2.87 2.76 -16.86
CA GLY B 244 1.72 3.63 -16.66
C GLY B 244 1.75 4.85 -17.56
N ALA B 245 2.95 5.35 -17.86
CA ALA B 245 3.06 6.44 -18.83
C ALA B 245 2.72 5.97 -20.24
N ILE B 246 3.21 4.78 -20.62
CA ILE B 246 2.88 4.22 -21.93
C ILE B 246 1.37 4.07 -22.10
N ALA B 247 0.70 3.53 -21.07
CA ALA B 247 -0.74 3.32 -21.13
C ALA B 247 -1.49 4.64 -21.30
N TYR B 248 -1.12 5.66 -20.52
CA TYR B 248 -1.78 6.96 -20.66
C TYR B 248 -1.54 7.57 -22.05
N ARG B 249 -0.33 7.39 -22.59
CA ARG B 249 -0.07 7.92 -23.92
C ARG B 249 -0.91 7.22 -24.97
N GLU B 250 -1.07 5.90 -24.82
CA GLU B 250 -1.90 5.14 -25.74
C GLU B 250 -3.36 5.56 -25.63
N PHE B 251 -3.85 5.77 -24.40
CA PHE B 251 -5.23 6.22 -24.25
C PHE B 251 -5.43 7.62 -24.84
N ALA B 252 -4.47 8.52 -24.66
CA ALA B 252 -4.61 9.86 -25.24
C ALA B 252 -4.63 9.78 -26.76
N ASP B 253 -3.88 8.84 -27.33
CA ASP B 253 -3.89 8.68 -28.78
C ASP B 253 -5.28 8.28 -29.27
N ALA B 254 -5.96 7.40 -28.53
CA ALA B 254 -7.32 7.00 -28.86
C ALA B 254 -8.26 8.19 -28.80
N LEU B 255 -8.09 9.07 -27.79
CA LEU B 255 -8.88 10.28 -27.73
C LEU B 255 -8.61 11.18 -28.92
N LEU B 256 -7.34 11.34 -29.29
CA LEU B 256 -6.99 12.20 -30.42
C LEU B 256 -7.65 11.70 -31.71
N ARG B 257 -7.57 10.39 -31.94
CA ARG B 257 -8.20 9.80 -33.12
C ARG B 257 -9.72 9.92 -33.05
N HIS B 258 -10.29 9.74 -31.87
CA HIS B 258 -11.73 9.89 -31.71
C HIS B 258 -12.18 11.29 -32.09
N TRP B 259 -11.45 12.31 -31.60
CA TRP B 259 -11.83 13.69 -31.88
C TRP B 259 -11.53 14.07 -33.34
N LYS B 260 -10.49 13.50 -33.94
CA LYS B 260 -10.13 13.90 -35.30
C LYS B 260 -11.04 13.22 -36.34
N SER B 261 -11.36 11.95 -36.12
CA SER B 261 -12.01 11.15 -37.15
C SER B 261 -13.34 10.54 -36.71
N GLY B 262 -13.70 10.64 -35.44
CA GLY B 262 -14.87 9.97 -34.92
C GLY B 262 -14.66 8.52 -34.56
N ARG B 263 -13.43 8.01 -34.65
CA ARG B 263 -13.16 6.62 -34.35
C ARG B 263 -13.61 6.28 -32.93
N LYS B 264 -14.40 5.21 -32.81
CA LYS B 264 -14.88 4.78 -31.50
C LYS B 264 -13.71 4.43 -30.58
N MET B 265 -13.84 4.75 -29.30
CA MET B 265 -12.77 4.40 -28.36
C MET B 265 -12.62 2.88 -28.29
N PRO B 266 -11.40 2.34 -28.44
CA PRO B 266 -11.20 0.90 -28.31
C PRO B 266 -11.59 0.39 -26.93
N THR B 267 -12.16 -0.82 -26.89
CA THR B 267 -12.63 -1.42 -25.65
C THR B 267 -11.66 -2.47 -25.13
N PHE B 268 -11.73 -2.72 -23.82
CA PHE B 268 -10.85 -3.68 -23.17
C PHE B 268 -11.21 -5.09 -23.62
N THR B 269 -10.21 -5.83 -24.06
CA THR B 269 -10.33 -7.23 -24.43
C THR B 269 -9.09 -7.95 -23.93
N PRO B 270 -9.21 -8.79 -22.90
CA PRO B 270 -8.07 -9.48 -22.29
C PRO B 270 -7.33 -10.42 -23.26
#